data_1DTO
#
_entry.id   1DTO
#
_cell.length_a   54.680
_cell.length_b   54.680
_cell.length_c   155.730
_cell.angle_alpha   90.00
_cell.angle_beta   90.00
_cell.angle_gamma   120.00
#
_symmetry.space_group_name_H-M   'P 31 2 1'
#
loop_
_entity.id
_entity.type
_entity.pdbx_description
1 polymer 'REGULATORY PROTEIN E2'
2 water water
#
_entity_poly.entity_id   1
_entity_poly.type   'polypeptide(L)'
_entity_poly.pdbx_seq_one_letter_code
;MGSSHHHHHHSSGLVPRGSHMETLCQRLNVCQDKILTHYENDSTDLRDHIDYWKHMRLECAIYYKAREMGFKHINHQVVP
TLAVSKNKALQAIELQLTLETIYNSQYSNEKWTLQDVSLEVYLTAPTGCIKKHGYTVEVQFDGDICNTMHYTNWTHIYIC
EEASVTVVEGQVDYYGLYYVHEGIRTYFVQFKDDAEKYSKNKVWEVHAGGQVILCPTSVFS
;
_entity_poly.pdbx_strand_id   A
#
# COMPACT_ATOMS: atom_id res chain seq x y z
N HIS A 20 16.29 -8.90 31.06
CA HIS A 20 15.36 -8.17 30.15
C HIS A 20 16.09 -7.11 29.35
N MET A 21 16.60 -6.08 30.06
CA MET A 21 17.32 -5.02 29.38
C MET A 21 18.18 -5.68 28.30
N GLU A 22 19.10 -6.54 28.74
CA GLU A 22 19.96 -7.26 27.82
C GLU A 22 19.14 -8.08 26.83
N THR A 23 18.21 -8.88 27.38
CA THR A 23 17.39 -9.70 26.50
C THR A 23 16.67 -8.86 25.44
N LEU A 24 16.02 -7.76 25.81
CA LEU A 24 15.35 -6.93 24.79
C LEU A 24 16.35 -6.34 23.79
N CYS A 25 17.47 -5.83 24.31
CA CYS A 25 18.49 -5.25 23.43
C CYS A 25 19.01 -6.25 22.42
N GLN A 26 19.33 -7.47 22.89
CA GLN A 26 19.84 -8.48 21.99
C GLN A 26 18.81 -8.90 20.97
N ARG A 27 17.56 -9.12 21.40
CA ARG A 27 16.49 -9.45 20.49
C ARG A 27 16.26 -8.35 19.44
N LEU A 28 16.19 -7.12 19.87
CA LEU A 28 15.98 -6.02 18.89
C LEU A 28 17.13 -5.92 17.88
N ASN A 29 18.37 -6.01 18.38
CA ASN A 29 19.56 -6.04 17.54
C ASN A 29 19.46 -7.15 16.52
N VAL A 30 19.09 -8.37 16.95
CA VAL A 30 18.96 -9.44 15.96
C VAL A 30 17.80 -9.15 15.01
N CYS A 31 16.69 -8.67 15.59
CA CYS A 31 15.54 -8.35 14.73
C CYS A 31 15.84 -7.27 13.71
N GLN A 32 16.48 -6.19 14.12
CA GLN A 32 16.78 -5.06 13.29
C GLN A 32 17.85 -5.37 12.25
N ASP A 33 18.73 -6.34 12.53
CA ASP A 33 19.75 -6.75 11.58
C ASP A 33 19.11 -7.52 10.45
N LYS A 34 18.13 -8.37 10.76
CA LYS A 34 17.41 -9.09 9.73
C LYS A 34 16.65 -8.15 8.81
N ILE A 35 15.98 -7.15 9.37
CA ILE A 35 15.25 -6.17 8.57
C ILE A 35 16.19 -5.44 7.59
N LEU A 36 17.32 -4.96 8.07
CA LEU A 36 18.34 -4.33 7.23
C LEU A 36 18.90 -5.27 6.18
N THR A 37 19.15 -6.53 6.53
CA THR A 37 19.58 -7.50 5.53
C THR A 37 18.55 -7.67 4.42
N HIS A 38 17.25 -7.68 4.76
CA HIS A 38 16.24 -7.73 3.70
C HIS A 38 16.36 -6.48 2.82
N TYR A 39 16.51 -5.32 3.45
CA TYR A 39 16.66 -4.06 2.72
C TYR A 39 17.85 -4.09 1.76
N GLU A 40 19.02 -4.49 2.22
CA GLU A 40 20.19 -4.72 1.39
C GLU A 40 19.99 -5.69 0.25
N ASN A 41 19.44 -6.88 0.48
CA ASN A 41 19.30 -7.88 -0.54
C ASN A 41 18.32 -7.55 -1.66
N ASP A 42 17.20 -6.88 -1.40
CA ASP A 42 16.32 -6.46 -2.49
C ASP A 42 15.82 -7.63 -3.32
N SER A 43 15.32 -8.67 -2.68
CA SER A 43 14.87 -9.89 -3.32
C SER A 43 13.56 -9.67 -4.07
N THR A 44 13.29 -10.62 -4.96
CA THR A 44 12.05 -10.61 -5.74
C THR A 44 11.25 -11.85 -5.44
N ASP A 45 11.71 -12.59 -4.41
CA ASP A 45 11.05 -13.80 -3.97
C ASP A 45 10.10 -13.51 -2.82
N LEU A 46 8.85 -13.83 -3.05
CA LEU A 46 7.77 -13.58 -2.09
C LEU A 46 8.07 -14.16 -0.73
N ARG A 47 8.60 -15.38 -0.61
CA ARG A 47 9.09 -15.91 0.65
C ARG A 47 9.92 -14.97 1.49
N ASP A 48 10.90 -14.25 0.93
CA ASP A 48 11.67 -13.30 1.70
C ASP A 48 10.85 -12.14 2.23
N HIS A 49 9.84 -11.70 1.45
CA HIS A 49 9.00 -10.58 1.90
C HIS A 49 8.11 -10.97 3.10
N ILE A 50 7.67 -12.19 3.06
CA ILE A 50 6.97 -12.78 4.26
C ILE A 50 7.82 -12.68 5.48
N ASP A 51 9.11 -13.05 5.41
CA ASP A 51 10.00 -13.06 6.57
C ASP A 51 10.29 -11.67 7.06
N TYR A 52 10.45 -10.74 6.08
CA TYR A 52 10.63 -9.33 6.47
C TYR A 52 9.43 -8.84 7.32
N TRP A 53 8.23 -8.96 6.83
CA TRP A 53 7.07 -8.49 7.58
C TRP A 53 6.90 -9.23 8.92
N LYS A 54 7.26 -10.52 9.01
CA LYS A 54 7.29 -11.18 10.33
C LYS A 54 8.29 -10.52 11.27
N HIS A 55 9.48 -10.14 10.75
CA HIS A 55 10.40 -9.36 11.59
C HIS A 55 9.88 -7.99 11.89
N MET A 56 9.18 -7.37 10.94
CA MET A 56 8.60 -6.04 11.27
C MET A 56 7.60 -6.22 12.45
N ARG A 57 6.81 -7.27 12.44
CA ARG A 57 5.84 -7.53 13.52
C ARG A 57 6.52 -7.82 14.86
N LEU A 58 7.57 -8.64 14.82
CA LEU A 58 8.36 -8.91 16.03
C LEU A 58 8.99 -7.69 16.64
N GLU A 59 9.54 -6.75 15.80
CA GLU A 59 10.05 -5.50 16.33
C GLU A 59 8.99 -4.77 17.16
N CYS A 60 7.71 -4.77 16.72
CA CYS A 60 6.67 -4.11 17.50
C CYS A 60 6.50 -4.79 18.87
N ALA A 61 6.59 -6.12 18.89
CA ALA A 61 6.42 -6.82 20.19
C ALA A 61 7.57 -6.46 21.12
N ILE A 62 8.79 -6.27 20.57
CA ILE A 62 9.93 -5.91 21.41
C ILE A 62 9.76 -4.54 22.00
N TYR A 63 9.41 -3.55 21.16
CA TYR A 63 9.18 -2.20 21.65
C TYR A 63 7.98 -2.19 22.62
N TYR A 64 6.97 -3.01 22.31
CA TYR A 64 5.78 -2.96 23.20
C TYR A 64 6.24 -3.41 24.61
N LYS A 65 7.02 -4.47 24.65
CA LYS A 65 7.49 -4.99 25.97
C LYS A 65 8.39 -3.99 26.66
N ALA A 66 9.30 -3.36 25.87
CA ALA A 66 10.18 -2.36 26.45
C ALA A 66 9.38 -1.25 27.07
N ARG A 67 8.36 -0.74 26.38
CA ARG A 67 7.52 0.32 26.90
C ARG A 67 6.74 -0.12 28.15
N GLU A 68 6.25 -1.36 28.12
CA GLU A 68 5.50 -1.90 29.26
C GLU A 68 6.38 -1.90 30.52
N MET A 69 7.64 -2.29 30.32
CA MET A 69 8.66 -2.27 31.34
C MET A 69 9.18 -0.94 31.79
N GLY A 70 8.76 0.17 31.21
CA GLY A 70 9.05 1.49 31.59
C GLY A 70 10.31 2.06 30.90
N PHE A 71 10.84 1.43 29.86
CA PHE A 71 12.00 1.99 29.17
C PHE A 71 11.55 3.08 28.19
N LYS A 72 12.29 4.19 28.19
CA LYS A 72 11.95 5.32 27.30
C LYS A 72 12.83 5.28 26.06
N HIS A 73 13.93 4.53 26.18
CA HIS A 73 14.79 4.25 25.05
C HIS A 73 15.39 2.86 25.19
N ILE A 74 15.71 2.20 24.11
CA ILE A 74 16.47 0.97 24.10
C ILE A 74 17.66 1.22 23.18
N ASN A 75 18.85 1.15 23.77
CA ASN A 75 20.08 1.44 23.03
C ASN A 75 20.09 2.84 22.45
N HIS A 76 19.51 3.77 23.21
CA HIS A 76 19.42 5.18 22.91
C HIS A 76 18.54 5.48 21.71
N GLN A 77 17.68 4.55 21.33
CA GLN A 77 16.66 4.71 20.31
C GLN A 77 15.30 4.87 21.02
N VAL A 78 14.44 5.77 20.57
CA VAL A 78 13.19 6.06 21.29
C VAL A 78 12.29 4.84 21.30
N VAL A 79 11.68 4.55 22.44
CA VAL A 79 10.67 3.47 22.51
C VAL A 79 9.31 4.16 22.33
N PRO A 80 8.55 3.78 21.33
CA PRO A 80 7.27 4.40 21.05
C PRO A 80 6.23 4.10 22.14
N THR A 81 5.20 4.93 22.21
CA THR A 81 4.06 4.57 23.04
C THR A 81 3.49 3.23 22.64
N LEU A 82 2.79 2.61 23.61
CA LEU A 82 2.16 1.30 23.33
C LEU A 82 1.25 1.32 22.12
N ALA A 83 0.44 2.35 21.99
CA ALA A 83 -0.57 2.44 20.93
C ALA A 83 0.17 2.53 19.58
N VAL A 84 1.30 3.25 19.57
CA VAL A 84 2.05 3.23 18.28
C VAL A 84 2.52 1.83 17.93
N SER A 85 3.13 1.07 18.85
CA SER A 85 3.54 -0.28 18.58
C SER A 85 2.39 -1.21 18.29
N LYS A 86 1.25 -1.06 18.95
CA LYS A 86 0.10 -1.91 18.59
C LYS A 86 -0.34 -1.68 17.13
N ASN A 87 -0.45 -0.42 16.77
CA ASN A 87 -0.90 -0.06 15.41
C ASN A 87 0.05 -0.55 14.35
N LYS A 88 1.37 -0.38 14.56
CA LYS A 88 2.35 -0.94 13.60
C LYS A 88 2.32 -2.45 13.52
N ALA A 89 2.09 -3.18 14.65
CA ALA A 89 1.99 -4.62 14.54
C ALA A 89 0.75 -5.03 13.75
N LEU A 90 -0.37 -4.34 13.91
CA LEU A 90 -1.54 -4.61 13.06
C LEU A 90 -1.20 -4.46 11.56
N GLN A 91 -0.46 -3.43 11.20
CA GLN A 91 -0.07 -3.16 9.81
C GLN A 91 0.84 -4.29 9.31
N ALA A 92 1.83 -4.68 10.14
CA ALA A 92 2.70 -5.79 9.78
C ALA A 92 1.91 -7.06 9.61
N ILE A 93 0.97 -7.33 10.56
CA ILE A 93 0.10 -8.49 10.37
C ILE A 93 -0.69 -8.49 9.08
N GLU A 94 -1.28 -7.32 8.71
CA GLU A 94 -2.05 -7.33 7.47
C GLU A 94 -1.18 -7.69 6.27
N LEU A 95 0.02 -7.16 6.24
CA LEU A 95 0.95 -7.44 5.14
C LEU A 95 1.41 -8.89 5.23
N GLN A 96 1.86 -9.34 6.41
CA GLN A 96 2.20 -10.77 6.50
C GLN A 96 1.10 -11.67 6.00
N LEU A 97 -0.14 -11.53 6.48
CA LEU A 97 -1.23 -12.38 6.01
C LEU A 97 -1.47 -12.32 4.49
N THR A 98 -1.46 -11.08 3.97
CA THR A 98 -1.71 -10.91 2.54
C THR A 98 -0.71 -11.70 1.73
N LEU A 99 0.55 -11.55 2.07
CA LEU A 99 1.64 -12.22 1.33
C LEU A 99 1.56 -13.74 1.46
N GLU A 100 1.12 -14.17 2.68
CA GLU A 100 0.88 -15.61 2.84
C GLU A 100 -0.27 -16.12 2.01
N THR A 101 -1.36 -15.37 1.82
CA THR A 101 -2.43 -15.78 0.94
C THR A 101 -1.90 -15.81 -0.52
N ILE A 102 -1.08 -14.82 -0.85
CA ILE A 102 -0.50 -14.85 -2.22
C ILE A 102 0.43 -16.04 -2.39
N TYR A 103 1.22 -16.32 -1.37
CA TYR A 103 2.10 -17.50 -1.40
C TYR A 103 1.33 -18.78 -1.68
N ASN A 104 0.11 -18.93 -1.12
CA ASN A 104 -0.65 -20.12 -1.43
C ASN A 104 -1.40 -19.99 -2.75
N SER A 105 -1.33 -18.95 -3.57
CA SER A 105 -2.13 -18.88 -4.79
C SER A 105 -1.27 -19.11 -6.05
N GLN A 106 -1.95 -19.03 -7.19
CA GLN A 106 -1.31 -19.15 -8.49
C GLN A 106 -0.37 -18.03 -8.83
N TYR A 107 -0.44 -16.90 -8.10
CA TYR A 107 0.43 -15.77 -8.33
C TYR A 107 1.72 -15.88 -7.56
N SER A 108 1.88 -16.94 -6.77
CA SER A 108 3.02 -17.05 -5.88
C SER A 108 4.37 -16.87 -6.54
N ASN A 109 4.56 -17.48 -7.71
CA ASN A 109 5.88 -17.36 -8.36
C ASN A 109 6.12 -16.15 -9.23
N GLU A 110 5.28 -15.11 -9.20
CA GLU A 110 5.66 -13.87 -9.89
C GLU A 110 6.83 -13.16 -9.23
N LYS A 111 7.41 -12.13 -9.89
CA LYS A 111 8.35 -11.24 -9.22
C LYS A 111 7.58 -10.33 -8.25
N TRP A 112 8.12 -10.13 -7.06
CA TRP A 112 7.57 -9.23 -6.07
C TRP A 112 8.71 -8.41 -5.49
N THR A 113 8.66 -7.08 -5.57
CA THR A 113 9.73 -6.28 -5.04
C THR A 113 9.40 -5.79 -3.64
N LEU A 114 10.39 -5.28 -2.94
CA LEU A 114 10.18 -4.71 -1.61
C LEU A 114 9.22 -3.55 -1.64
N GLN A 115 9.35 -2.71 -2.69
CA GLN A 115 8.40 -1.61 -2.84
C GLN A 115 7.02 -2.12 -3.19
N ASP A 116 6.88 -3.18 -3.97
CA ASP A 116 5.58 -3.77 -4.22
C ASP A 116 4.86 -4.12 -2.89
N VAL A 117 5.61 -4.60 -1.91
CA VAL A 117 5.02 -5.08 -0.65
C VAL A 117 5.18 -4.10 0.50
N SER A 118 5.43 -2.82 0.21
CA SER A 118 5.69 -1.80 1.18
C SER A 118 4.35 -1.31 1.72
N LEU A 119 4.35 -0.70 2.90
CA LEU A 119 3.13 -0.15 3.45
C LEU A 119 2.66 1.06 2.62
N GLU A 120 3.63 1.81 2.11
CA GLU A 120 3.35 2.93 1.23
C GLU A 120 2.48 2.54 0.05
N VAL A 121 2.84 1.56 -0.74
CA VAL A 121 1.99 1.02 -1.79
C VAL A 121 0.68 0.47 -1.26
N TYR A 122 0.78 -0.32 -0.18
CA TYR A 122 -0.39 -1.02 0.33
C TYR A 122 -1.51 -0.05 0.70
N LEU A 123 -1.16 1.12 1.23
CA LEU A 123 -2.12 2.12 1.63
C LEU A 123 -2.46 3.14 0.54
N THR A 124 -1.83 3.05 -0.61
CA THR A 124 -2.19 3.99 -1.71
C THR A 124 -3.50 3.48 -2.28
N ALA A 125 -4.40 4.32 -2.76
CA ALA A 125 -5.69 3.82 -3.26
C ALA A 125 -5.42 2.88 -4.45
N PRO A 126 -6.08 1.75 -4.51
CA PRO A 126 -7.05 1.31 -3.53
C PRO A 126 -6.39 0.73 -2.27
N THR A 127 -6.75 1.27 -1.10
CA THR A 127 -6.03 0.91 0.13
C THR A 127 -6.25 -0.53 0.53
N GLY A 128 -5.29 -1.12 1.25
CA GLY A 128 -5.42 -2.49 1.76
C GLY A 128 -5.13 -3.54 0.69
N CYS A 129 -4.38 -3.22 -0.36
CA CYS A 129 -4.15 -4.13 -1.48
C CYS A 129 -2.67 -4.05 -1.89
N ILE A 130 -1.97 -5.16 -2.02
CA ILE A 130 -0.68 -5.18 -2.72
C ILE A 130 -1.00 -4.88 -4.22
N LYS A 131 -0.10 -4.11 -4.82
CA LYS A 131 -0.33 -3.75 -6.20
C LYS A 131 1.00 -3.53 -6.92
N LYS A 132 0.92 -3.75 -8.26
CA LYS A 132 2.18 -3.46 -8.94
C LYS A 132 1.92 -2.78 -10.30
N HIS A 133 3.04 -2.43 -10.88
CA HIS A 133 3.08 -1.77 -12.21
C HIS A 133 2.23 -0.52 -12.22
N GLY A 134 2.52 0.42 -11.33
CA GLY A 134 1.85 1.69 -11.22
C GLY A 134 2.33 2.77 -12.22
N TYR A 135 1.42 3.67 -12.59
CA TYR A 135 1.72 4.77 -13.50
C TYR A 135 0.81 5.97 -13.23
N THR A 136 1.21 7.14 -13.72
CA THR A 136 0.44 8.33 -13.39
C THR A 136 -0.70 8.54 -14.38
N VAL A 137 -1.81 9.03 -13.86
CA VAL A 137 -2.92 9.51 -14.70
C VAL A 137 -3.00 10.98 -14.32
N GLU A 138 -3.18 11.85 -15.31
CA GLU A 138 -3.25 13.27 -14.91
C GLU A 138 -4.61 13.82 -15.30
N VAL A 139 -5.20 14.61 -14.41
CA VAL A 139 -6.51 15.18 -14.65
C VAL A 139 -6.37 16.72 -14.62
N GLN A 140 -6.81 17.34 -15.70
CA GLN A 140 -6.78 18.80 -15.78
C GLN A 140 -8.17 19.36 -15.53
N PHE A 141 -8.26 20.12 -14.44
CA PHE A 141 -9.58 20.61 -14.05
C PHE A 141 -9.94 21.90 -14.76
N ASP A 142 -9.06 22.43 -15.60
CA ASP A 142 -9.62 23.36 -16.60
C ASP A 142 -8.65 23.69 -17.72
N GLY A 143 -7.41 23.95 -17.36
CA GLY A 143 -6.35 24.16 -18.37
C GLY A 143 -4.97 23.92 -17.75
N ASP A 144 -4.20 23.03 -18.36
CA ASP A 144 -2.84 22.80 -17.88
C ASP A 144 -2.00 24.06 -18.11
N ASN A 147 -5.54 23.97 -12.25
CA ASN A 147 -5.56 22.91 -11.25
C ASN A 147 -5.36 21.57 -11.98
N THR A 148 -4.20 20.98 -11.87
CA THR A 148 -3.92 19.69 -12.54
C THR A 148 -3.47 18.67 -11.51
N MET A 149 -4.23 17.59 -11.32
CA MET A 149 -3.94 16.59 -10.31
C MET A 149 -3.30 15.35 -10.91
N HIS A 150 -2.46 14.68 -10.11
CA HIS A 150 -1.77 13.45 -10.47
C HIS A 150 -2.27 12.33 -9.54
N TYR A 151 -2.59 11.17 -10.13
CA TYR A 151 -3.13 10.04 -9.39
C TYR A 151 -2.37 8.82 -9.87
N THR A 152 -2.20 7.79 -9.05
CA THR A 152 -1.51 6.58 -9.50
C THR A 152 -2.51 5.52 -9.90
N ASN A 153 -2.39 4.96 -11.09
CA ASN A 153 -3.20 3.81 -11.45
C ASN A 153 -2.28 2.58 -11.50
N TRP A 154 -2.83 1.39 -11.48
CA TRP A 154 -2.04 0.15 -11.31
C TRP A 154 -2.48 -0.86 -12.33
N THR A 155 -1.60 -1.54 -13.06
CA THR A 155 -2.13 -2.56 -13.97
C THR A 155 -2.51 -3.83 -13.18
N HIS A 156 -1.89 -4.09 -12.03
CA HIS A 156 -2.10 -5.34 -11.32
C HIS A 156 -2.54 -5.02 -9.88
N ILE A 157 -3.80 -5.29 -9.56
CA ILE A 157 -4.25 -5.00 -8.18
C ILE A 157 -4.66 -6.33 -7.54
N TYR A 158 -4.05 -6.68 -6.40
CA TYR A 158 -4.35 -8.03 -5.83
C TYR A 158 -5.45 -7.93 -4.77
N ILE A 159 -6.63 -8.43 -5.02
CA ILE A 159 -7.73 -8.35 -4.07
C ILE A 159 -7.66 -9.60 -3.15
N CYS A 160 -7.10 -9.46 -1.97
CA CYS A 160 -6.94 -10.65 -1.09
C CYS A 160 -8.04 -10.76 -0.07
N GLU A 161 -8.65 -11.94 0.02
CA GLU A 161 -9.67 -12.20 1.03
C GLU A 161 -9.23 -13.32 1.97
N GLU A 162 -10.19 -13.84 2.75
CA GLU A 162 -9.87 -14.87 3.76
C GLU A 162 -9.27 -16.13 3.22
N ALA A 163 -9.78 -16.65 2.12
CA ALA A 163 -9.23 -17.88 1.55
C ALA A 163 -8.86 -17.80 0.06
N SER A 164 -8.66 -16.56 -0.44
CA SER A 164 -8.37 -16.43 -1.87
C SER A 164 -7.77 -15.07 -2.28
N VAL A 165 -7.27 -15.05 -3.50
CA VAL A 165 -6.78 -13.76 -4.06
C VAL A 165 -7.05 -13.78 -5.57
N THR A 166 -7.48 -12.62 -6.09
CA THR A 166 -7.66 -12.45 -7.54
C THR A 166 -6.97 -11.15 -7.97
N VAL A 167 -6.20 -11.21 -9.06
CA VAL A 167 -5.58 -9.99 -9.58
C VAL A 167 -6.59 -9.34 -10.51
N VAL A 168 -6.77 -8.02 -10.32
CA VAL A 168 -7.62 -7.24 -11.20
C VAL A 168 -6.80 -6.07 -11.78
N GLU A 169 -7.29 -5.49 -12.89
CA GLU A 169 -6.52 -4.36 -13.48
C GLU A 169 -7.12 -3.01 -13.17
N GLY A 170 -6.28 -2.03 -12.95
CA GLY A 170 -6.75 -0.67 -12.61
C GLY A 170 -7.25 -0.07 -13.96
N GLN A 171 -8.44 0.46 -13.98
CA GLN A 171 -9.03 0.95 -15.24
C GLN A 171 -9.35 2.43 -15.04
N VAL A 172 -9.55 3.10 -16.19
CA VAL A 172 -9.66 4.58 -16.13
C VAL A 172 -10.87 5.05 -16.93
N ASP A 173 -11.67 5.87 -16.33
CA ASP A 173 -12.85 6.54 -16.65
C ASP A 173 -12.74 8.08 -16.80
N TYR A 174 -13.82 8.64 -17.38
CA TYR A 174 -14.00 10.08 -17.26
C TYR A 174 -14.21 10.43 -15.78
N TYR A 175 -14.92 9.53 -15.09
CA TYR A 175 -15.26 9.67 -13.69
C TYR A 175 -14.15 9.33 -12.71
N GLY A 176 -13.23 8.44 -13.02
CA GLY A 176 -12.18 8.11 -12.07
C GLY A 176 -11.39 6.85 -12.41
N LEU A 177 -10.76 6.30 -11.36
CA LEU A 177 -9.99 5.06 -11.46
C LEU A 177 -10.80 3.95 -10.79
N TYR A 178 -10.86 2.80 -11.44
CA TYR A 178 -11.68 1.75 -10.85
C TYR A 178 -11.13 0.36 -11.19
N TYR A 179 -11.71 -0.65 -10.54
CA TYR A 179 -11.46 -2.02 -10.95
C TYR A 179 -12.83 -2.73 -10.87
N VAL A 180 -12.87 -3.89 -11.49
CA VAL A 180 -14.04 -4.75 -11.50
C VAL A 180 -13.63 -6.09 -10.84
N HIS A 181 -14.28 -6.39 -9.75
CA HIS A 181 -14.03 -7.61 -8.96
C HIS A 181 -15.35 -8.35 -8.75
N GLU A 182 -15.39 -9.58 -9.24
CA GLU A 182 -16.58 -10.45 -9.09
C GLU A 182 -17.80 -9.79 -9.73
N GLY A 183 -17.58 -9.11 -10.85
CA GLY A 183 -18.67 -8.40 -11.52
C GLY A 183 -18.87 -6.98 -11.01
N ILE A 184 -18.30 -6.56 -9.88
CA ILE A 184 -18.66 -5.30 -9.27
C ILE A 184 -17.59 -4.24 -9.59
N ARG A 185 -18.04 -3.18 -10.22
CA ARG A 185 -17.15 -2.07 -10.56
C ARG A 185 -16.98 -1.19 -9.33
N THR A 186 -15.75 -1.01 -8.88
CA THR A 186 -15.42 -0.27 -7.68
C THR A 186 -14.47 0.88 -8.00
N TYR A 187 -14.92 2.12 -7.81
CA TYR A 187 -14.05 3.27 -8.02
C TYR A 187 -13.20 3.54 -6.79
N PHE A 188 -11.90 3.62 -6.92
CA PHE A 188 -11.01 3.93 -5.82
C PHE A 188 -10.55 5.37 -5.83
N VAL A 189 -10.76 6.04 -6.99
CA VAL A 189 -10.62 7.50 -7.05
C VAL A 189 -11.85 7.98 -7.87
N GLN A 190 -12.59 8.96 -7.36
CA GLN A 190 -13.63 9.61 -8.12
C GLN A 190 -13.17 11.04 -8.42
N PHE A 191 -13.01 11.39 -9.70
CA PHE A 191 -12.43 12.68 -10.00
C PHE A 191 -13.31 13.84 -9.59
N LYS A 192 -14.61 13.65 -9.41
CA LYS A 192 -15.45 14.73 -8.91
C LYS A 192 -15.15 15.23 -7.52
N ASP A 193 -14.59 14.37 -6.67
CA ASP A 193 -14.17 14.73 -5.33
C ASP A 193 -13.11 15.84 -5.41
N ASP A 194 -12.05 15.72 -6.16
CA ASP A 194 -11.06 16.78 -6.28
C ASP A 194 -11.59 18.01 -6.99
N ALA A 195 -12.41 17.83 -8.01
CA ALA A 195 -12.97 18.96 -8.74
C ALA A 195 -13.82 19.88 -7.86
N GLU A 196 -14.59 19.32 -6.93
CA GLU A 196 -15.45 20.11 -6.06
C GLU A 196 -14.66 20.73 -4.92
N LYS A 197 -13.43 20.26 -4.74
CA LYS A 197 -12.56 20.79 -3.69
C LYS A 197 -11.65 21.88 -4.22
N TYR A 198 -11.38 21.86 -5.54
CA TYR A 198 -10.42 22.79 -6.09
C TYR A 198 -11.01 23.72 -7.13
N SER A 199 -11.82 23.25 -8.06
CA SER A 199 -12.23 24.02 -9.22
C SER A 199 -13.60 24.68 -9.09
N LYS A 200 -13.93 25.53 -10.06
CA LYS A 200 -15.24 26.18 -10.06
C LYS A 200 -16.20 25.44 -10.99
N ASN A 201 -15.68 24.97 -12.12
CA ASN A 201 -16.53 24.18 -13.02
C ASN A 201 -16.28 22.69 -12.79
N LYS A 202 -17.29 21.85 -13.02
CA LYS A 202 -17.10 20.40 -12.85
C LYS A 202 -16.92 19.79 -14.23
N VAL A 203 -15.89 20.17 -14.97
CA VAL A 203 -15.57 19.65 -16.29
C VAL A 203 -14.06 19.49 -16.41
N TRP A 204 -13.57 18.30 -16.75
CA TRP A 204 -12.12 18.08 -16.73
C TRP A 204 -11.70 17.25 -17.91
N GLU A 205 -10.40 17.03 -18.04
CA GLU A 205 -9.86 16.21 -19.13
C GLU A 205 -8.86 15.22 -18.51
N VAL A 206 -9.09 13.94 -18.82
CA VAL A 206 -8.25 12.90 -18.23
C VAL A 206 -7.22 12.43 -19.27
N HIS A 207 -5.95 12.48 -18.87
CA HIS A 207 -4.86 11.93 -19.65
C HIS A 207 -4.24 10.73 -18.95
N ALA A 208 -4.19 9.58 -19.60
CA ALA A 208 -3.72 8.37 -18.93
C ALA A 208 -2.77 7.53 -19.77
N GLY A 209 -2.10 8.14 -20.76
CA GLY A 209 -1.16 7.40 -21.62
C GLY A 209 -1.78 6.98 -22.94
N GLY A 210 -2.90 7.61 -23.30
CA GLY A 210 -3.60 7.25 -24.54
C GLY A 210 -4.52 8.42 -24.90
N GLN A 211 -5.62 8.11 -25.57
CA GLN A 211 -6.55 9.20 -25.92
C GLN A 211 -6.99 9.92 -24.65
N VAL A 212 -6.94 11.24 -24.63
CA VAL A 212 -7.55 12.03 -23.58
C VAL A 212 -9.00 11.61 -23.41
N ILE A 213 -9.52 11.57 -22.20
CA ILE A 213 -10.94 11.31 -22.01
C ILE A 213 -11.68 12.59 -21.70
N LEU A 214 -12.67 12.89 -22.54
CA LEU A 214 -13.49 14.08 -22.37
C LEU A 214 -14.83 13.77 -21.75
N CYS A 215 -15.50 14.79 -21.25
CA CYS A 215 -16.83 14.57 -20.67
C CYS A 215 -17.77 13.96 -21.68
N PRO A 216 -18.41 12.83 -21.31
CA PRO A 216 -19.18 12.05 -22.25
C PRO A 216 -20.65 12.42 -22.30
N THR A 217 -21.09 13.30 -21.45
CA THR A 217 -22.47 13.74 -21.37
C THR A 217 -22.62 15.22 -21.79
N SER A 218 -23.87 15.68 -21.84
CA SER A 218 -24.08 17.08 -22.23
C SER A 218 -23.62 18.06 -21.16
N VAL A 219 -23.03 19.14 -21.63
CA VAL A 219 -22.50 20.23 -20.82
C VAL A 219 -23.40 21.45 -20.94
N PHE A 220 -23.68 22.12 -19.83
CA PHE A 220 -24.67 23.18 -19.77
C PHE A 220 -24.21 24.52 -19.23
N SER A 221 -24.98 25.50 -19.70
CA SER A 221 -25.10 26.86 -19.23
C SER A 221 -24.71 27.03 -17.76
#